data_5G2F
#
_entry.id   5G2F
#
_cell.length_a   84.380
_cell.length_b   84.380
_cell.length_c   97.190
_cell.angle_alpha   90.00
_cell.angle_beta   90.00
_cell.angle_gamma   90.00
#
_symmetry.space_group_name_H-M   'I 41'
#
loop_
_entity.id
_entity.type
_entity.pdbx_description
1 polymer 'TYPE-IV LIKE PILIN TTHA1222'
2 non-polymer 'SULFATE ION'
3 water water
#
_entity_poly.entity_id   1
_entity_poly.type   'polypeptide(L)'
_entity_poly.pdbx_seq_one_letter_code
;MANLAAGQSYVRNVALALEAQRDPSTGALPTHLTDCLSGFGQRPKTVTACTITYLNALDYVIEASLDGAALKKVVYKSSD
GTLTSLPLEHHHHHH
;
_entity_poly.pdbx_strand_id   A,B,C
#
# COMPACT_ATOMS: atom_id res chain seq x y z
N ALA A 2 -1.87 -27.41 0.60
CA ALA A 2 -0.50 -26.89 0.67
C ALA A 2 -0.54 -25.39 0.96
N ASN A 3 -1.30 -25.00 1.98
CA ASN A 3 -1.51 -23.58 2.30
C ASN A 3 -0.23 -22.91 2.81
N LEU A 4 0.49 -23.59 3.70
CA LEU A 4 1.74 -23.05 4.16
C LEU A 4 2.63 -22.81 2.96
N ALA A 5 2.72 -23.79 2.06
CA ALA A 5 3.51 -23.58 0.84
C ALA A 5 3.01 -22.40 0.00
N ALA A 6 1.69 -22.24 -0.11
CA ALA A 6 1.15 -21.15 -0.93
C ALA A 6 1.47 -19.81 -0.29
N GLY A 7 1.39 -19.74 1.03
CA GLY A 7 1.68 -18.48 1.74
C GLY A 7 3.15 -18.14 1.65
N GLN A 8 3.99 -19.16 1.84
CA GLN A 8 5.43 -18.99 1.67
C GLN A 8 5.81 -18.49 0.29
N SER A 9 5.27 -19.12 -0.73
CA SER A 9 5.49 -18.69 -2.11
C SER A 9 5.05 -17.24 -2.34
N TYR A 10 3.91 -16.84 -1.77
CA TYR A 10 3.45 -15.45 -1.90
C TYR A 10 4.41 -14.46 -1.27
N VAL A 11 4.87 -14.78 -0.05
CA VAL A 11 5.82 -13.92 0.66
C VAL A 11 7.09 -13.76 -0.15
N ARG A 12 7.60 -14.85 -0.73
CA ARG A 12 8.80 -14.76 -1.54
C ARG A 12 8.58 -13.88 -2.76
N ASN A 13 7.38 -13.97 -3.35
CA ASN A 13 7.04 -13.07 -4.47
C ASN A 13 6.93 -11.59 -4.09
N VAL A 14 6.44 -11.31 -2.86
CA VAL A 14 6.44 -9.96 -2.32
C VAL A 14 7.88 -9.43 -2.22
N ALA A 15 8.74 -10.25 -1.61
CA ALA A 15 10.17 -9.90 -1.49
C ALA A 15 10.83 -9.62 -2.85
N LEU A 16 10.64 -10.53 -3.80
CA LEU A 16 11.19 -10.31 -5.17
C LEU A 16 10.69 -9.02 -5.79
N ALA A 17 9.42 -8.72 -5.59
CA ALA A 17 8.87 -7.45 -6.07
C ALA A 17 9.51 -6.22 -5.40
N LEU A 18 9.73 -6.29 -4.10
CA LEU A 18 10.37 -5.22 -3.38
C LEU A 18 11.84 -5.01 -3.84
N GLU A 19 12.56 -6.10 -4.06
CA GLU A 19 13.92 -6.05 -4.57
C GLU A 19 13.98 -5.26 -5.88
N ALA A 20 12.97 -5.45 -6.72
CA ALA A 20 12.91 -4.77 -8.02
C ALA A 20 12.74 -3.27 -7.92
N GLN A 21 12.36 -2.76 -6.75
CA GLN A 21 12.16 -1.34 -6.59
C GLN A 21 13.38 -0.66 -5.98
N ARG A 22 14.45 -1.38 -5.65
CA ARG A 22 15.66 -0.75 -5.10
C ARG A 22 16.36 0.19 -6.07
N ASP A 23 16.81 1.33 -5.56
CA ASP A 23 17.68 2.16 -6.34
C ASP A 23 18.94 1.36 -6.66
N PRO A 24 19.34 1.31 -7.91
CA PRO A 24 20.47 0.42 -8.26
C PRO A 24 21.88 0.91 -7.84
N SER A 25 22.00 2.16 -7.40
CA SER A 25 23.27 2.62 -6.83
C SER A 25 23.32 2.60 -5.32
N THR A 26 22.23 2.98 -4.65
CA THR A 26 22.20 3.09 -3.22
C THR A 26 21.59 1.88 -2.52
N GLY A 27 20.74 1.16 -3.23
CA GLY A 27 19.97 0.03 -2.71
C GLY A 27 18.67 0.41 -2.00
N ALA A 28 18.44 1.73 -1.84
CA ALA A 28 17.36 2.20 -1.01
C ALA A 28 16.03 1.84 -1.65
N LEU A 29 15.09 1.51 -0.79
CA LEU A 29 13.70 1.14 -1.16
C LEU A 29 12.75 2.24 -0.83
N PRO A 30 11.61 2.35 -1.55
CA PRO A 30 10.57 3.24 -0.99
C PRO A 30 9.97 2.57 0.23
N THR A 31 9.92 3.31 1.31
CA THR A 31 9.60 2.74 2.63
C THR A 31 8.17 3.03 3.12
N HIS A 32 7.27 3.47 2.25
CA HIS A 32 5.86 3.71 2.64
C HIS A 32 4.90 2.62 2.14
N LEU A 33 5.41 1.64 1.41
CA LEU A 33 4.53 0.54 0.97
C LEU A 33 4.54 -0.53 2.09
N THR A 34 3.60 -0.42 3.03
CA THR A 34 3.68 -1.21 4.24
C THR A 34 2.69 -2.36 4.34
N ASP A 35 1.83 -2.53 3.34
CA ASP A 35 1.04 -3.74 3.36
C ASP A 35 1.19 -4.47 2.07
N CYS A 36 0.97 -5.76 2.16
CA CYS A 36 1.11 -6.63 1.02
C CYS A 36 -0.15 -7.47 0.81
N LEU A 37 -1.31 -6.96 1.24
CA LEU A 37 -2.55 -7.64 0.88
C LEU A 37 -2.91 -7.39 -0.59
N SER A 38 -2.40 -6.30 -1.15
CA SER A 38 -2.60 -6.07 -2.57
C SER A 38 -1.38 -5.54 -3.25
N GLY A 39 -1.39 -5.55 -4.58
CA GLY A 39 -0.31 -5.00 -5.37
C GLY A 39 0.89 -5.90 -5.52
N PHE A 40 0.73 -7.18 -5.17
CA PHE A 40 1.80 -8.15 -5.34
C PHE A 40 1.37 -9.42 -6.03
N GLY A 41 0.55 -9.27 -7.06
CA GLY A 41 0.14 -10.41 -7.84
C GLY A 41 -1.00 -11.09 -7.13
N GLN A 42 -1.33 -12.28 -7.58
CA GLN A 42 -2.42 -13.05 -7.01
C GLN A 42 -2.06 -13.44 -5.57
N ARG A 43 -2.90 -13.09 -4.62
CA ARG A 43 -2.70 -13.45 -3.21
C ARG A 43 -3.54 -14.68 -2.87
N PRO A 44 -2.91 -15.79 -2.45
CA PRO A 44 -3.73 -16.95 -2.04
C PRO A 44 -4.65 -16.60 -0.86
N LYS A 45 -5.83 -17.20 -0.77
CA LYS A 45 -6.80 -16.76 0.23
C LYS A 45 -6.35 -17.14 1.63
N THR A 46 -5.44 -18.10 1.75
CA THR A 46 -4.83 -18.41 3.06
C THR A 46 -4.15 -17.18 3.70
N VAL A 47 -3.64 -16.27 2.89
CA VAL A 47 -2.99 -15.07 3.43
C VAL A 47 -4.04 -14.05 3.84
N THR A 48 -4.24 -13.89 5.15
CA THR A 48 -5.27 -13.01 5.66
C THR A 48 -4.74 -11.68 6.15
N ALA A 49 -3.43 -11.61 6.42
CA ALA A 49 -2.81 -10.36 6.82
C ALA A 49 -1.38 -10.38 6.26
N CYS A 50 -0.89 -9.22 5.87
CA CYS A 50 0.43 -9.10 5.27
C CYS A 50 0.97 -7.69 5.45
N THR A 51 2.05 -7.55 6.19
CA THR A 51 2.60 -6.23 6.47
C THR A 51 4.09 -6.22 6.16
N ILE A 52 4.58 -5.07 5.74
CA ILE A 52 6.00 -4.90 5.44
C ILE A 52 6.51 -3.84 6.40
N THR A 53 7.55 -4.16 7.13
CA THR A 53 8.19 -3.26 8.03
C THR A 53 9.59 -2.91 7.50
N TYR A 54 9.89 -1.62 7.39
CA TYR A 54 11.24 -1.20 6.98
C TYR A 54 12.07 -0.82 8.21
N LEU A 55 13.19 -1.54 8.41
CA LEU A 55 14.06 -1.34 9.55
C LEU A 55 15.03 -0.22 9.29
N ASN A 56 15.24 0.07 8.02
CA ASN A 56 16.08 1.18 7.57
C ASN A 56 15.79 1.29 6.06
N ALA A 57 16.57 2.04 5.30
CA ALA A 57 16.30 2.20 3.85
C ALA A 57 16.57 0.95 3.04
N LEU A 58 17.34 0.01 3.59
CA LEU A 58 17.68 -1.19 2.84
C LEU A 58 16.88 -2.43 3.26
N ASP A 59 16.58 -2.58 4.54
CA ASP A 59 16.16 -3.86 5.10
C ASP A 59 14.68 -3.83 5.47
N TYR A 60 13.99 -4.90 5.14
CA TYR A 60 12.58 -5.03 5.46
C TYR A 60 12.28 -6.40 6.04
N VAL A 61 11.10 -6.48 6.67
CA VAL A 61 10.56 -7.69 7.18
C VAL A 61 9.13 -7.80 6.70
N ILE A 62 8.79 -8.93 6.11
CA ILE A 62 7.42 -9.21 5.72
C ILE A 62 6.82 -10.18 6.72
N GLU A 63 5.65 -9.86 7.22
CA GLU A 63 4.92 -10.75 8.13
C GLU A 63 3.59 -11.07 7.53
N ALA A 64 3.31 -12.34 7.36
CA ALA A 64 2.04 -12.75 6.81
C ALA A 64 1.36 -13.74 7.75
N SER A 65 0.05 -13.56 7.97
CA SER A 65 -0.74 -14.48 8.74
C SER A 65 -1.47 -15.35 7.81
N LEU A 66 -1.49 -16.65 8.13
CA LEU A 66 -2.12 -17.64 7.30
C LEU A 66 -3.25 -18.31 8.06
N ASP A 67 -4.35 -18.56 7.39
CA ASP A 67 -5.30 -19.49 8.05
C ASP A 67 -5.41 -20.83 7.34
N GLY A 68 -5.71 -21.85 8.12
CA GLY A 68 -5.86 -23.20 7.60
C GLY A 68 -4.55 -23.76 7.08
N ALA A 69 -3.45 -23.29 7.67
CA ALA A 69 -2.13 -23.68 7.25
C ALA A 69 -1.37 -24.40 8.37
N ALA A 70 -0.35 -25.15 7.99
CA ALA A 70 0.47 -25.87 8.97
C ALA A 70 1.21 -24.93 9.94
N LEU A 71 1.41 -23.69 9.54
CA LEU A 71 1.84 -22.62 10.47
C LEU A 71 0.86 -21.44 10.37
N LYS A 72 0.86 -20.60 11.39
CA LYS A 72 -0.06 -19.48 11.49
C LYS A 72 0.55 -18.20 10.92
N LYS A 73 1.84 -18.04 11.13
CA LYS A 73 2.54 -16.84 10.70
C LYS A 73 3.83 -17.21 9.95
N VAL A 74 4.11 -16.51 8.86
CA VAL A 74 5.41 -16.62 8.24
C VAL A 74 6.09 -15.27 8.20
N VAL A 75 7.41 -15.29 8.37
CA VAL A 75 8.19 -14.08 8.43
C VAL A 75 9.41 -14.19 7.50
N TYR A 76 9.56 -13.21 6.59
CA TYR A 76 10.73 -13.09 5.72
C TYR A 76 11.53 -11.88 6.15
N LYS A 77 12.84 -12.05 6.31
CA LYS A 77 13.76 -10.95 6.65
C LYS A 77 14.72 -10.77 5.50
N SER A 78 14.71 -9.61 4.87
CA SER A 78 15.61 -9.37 3.74
C SER A 78 17.07 -9.34 4.15
N SER A 79 17.36 -8.98 5.40
CA SER A 79 18.73 -8.83 5.82
C SER A 79 19.48 -10.16 5.81
N ASP A 80 18.82 -11.22 6.20
CA ASP A 80 19.43 -12.56 6.28
C ASP A 80 18.85 -13.57 5.31
N GLY A 81 17.84 -13.14 4.56
CA GLY A 81 17.18 -13.98 3.58
C GLY A 81 16.45 -15.17 4.14
N THR A 82 16.07 -15.11 5.41
CA THR A 82 15.42 -16.26 6.06
C THR A 82 13.89 -16.13 5.95
N LEU A 83 13.26 -17.28 5.85
CA LEU A 83 11.82 -17.38 5.73
C LEU A 83 11.37 -18.49 6.63
N THR A 84 10.40 -18.22 7.50
CA THR A 84 9.86 -19.30 8.32
C THR A 84 9.69 -20.64 7.53
N SER A 85 10.36 -21.68 8.02
CA SER A 85 10.33 -23.01 7.44
C SER A 85 10.21 -24.04 8.56
N LEU A 86 9.41 -25.09 8.36
CA LEU A 86 9.37 -26.21 9.33
C LEU A 86 10.73 -26.91 9.36
N PRO A 87 11.26 -27.24 10.54
CA PRO A 87 12.56 -27.97 10.60
C PRO A 87 12.47 -29.39 10.02
N ALA B 2 8.34 -12.68 -10.83
CA ALA B 2 7.24 -11.93 -10.17
C ALA B 2 7.11 -10.56 -10.83
N ASN B 3 6.97 -10.52 -12.16
CA ASN B 3 6.82 -9.27 -12.92
C ASN B 3 5.53 -8.53 -12.67
N LEU B 4 4.40 -9.26 -12.67
CA LEU B 4 3.15 -8.63 -12.34
C LEU B 4 3.26 -7.98 -10.95
N ALA B 5 3.80 -8.71 -9.99
CA ALA B 5 3.96 -8.13 -8.65
C ALA B 5 4.92 -6.91 -8.67
N ALA B 6 5.97 -6.97 -9.45
CA ALA B 6 6.91 -5.84 -9.49
C ALA B 6 6.23 -4.63 -10.12
N GLY B 7 5.42 -4.87 -11.15
CA GLY B 7 4.64 -3.76 -11.74
C GLY B 7 3.58 -3.14 -10.86
N GLN B 8 2.75 -3.98 -10.26
CA GLN B 8 1.72 -3.52 -9.39
C GLN B 8 2.30 -2.71 -8.24
N SER B 9 3.37 -3.25 -7.65
CA SER B 9 3.98 -2.60 -6.51
C SER B 9 4.58 -1.23 -6.92
N TYR B 10 5.14 -1.14 -8.13
CA TYR B 10 5.63 0.13 -8.61
C TYR B 10 4.47 1.13 -8.70
N VAL B 11 3.36 0.69 -9.28
CA VAL B 11 2.17 1.57 -9.34
C VAL B 11 1.75 2.06 -7.96
N ARG B 12 1.67 1.15 -6.98
CA ARG B 12 1.30 1.55 -5.61
C ARG B 12 2.29 2.60 -5.08
N ASN B 13 3.58 2.41 -5.38
CA ASN B 13 4.60 3.40 -4.97
C ASN B 13 4.46 4.77 -5.67
N VAL B 14 4.11 4.76 -6.94
CA VAL B 14 3.77 6.02 -7.65
C VAL B 14 2.62 6.73 -6.94
N ALA B 15 1.55 5.98 -6.65
CA ALA B 15 0.39 6.58 -5.91
C ALA B 15 0.83 7.19 -4.58
N LEU B 16 1.64 6.46 -3.79
CA LEU B 16 2.09 6.96 -2.51
C LEU B 16 2.90 8.22 -2.69
N ALA B 17 3.74 8.27 -3.73
CA ALA B 17 4.52 9.48 -4.02
C ALA B 17 3.62 10.65 -4.35
N LEU B 18 2.58 10.39 -5.15
CA LEU B 18 1.64 11.44 -5.51
C LEU B 18 0.92 11.99 -4.30
N GLU B 19 0.49 11.09 -3.42
CA GLU B 19 -0.19 11.49 -2.19
C GLU B 19 0.67 12.47 -1.39
N ALA B 20 1.97 12.18 -1.32
CA ALA B 20 2.91 13.01 -0.57
C ALA B 20 3.13 14.39 -1.20
N GLN B 21 2.78 14.53 -2.48
CA GLN B 21 2.97 15.79 -3.19
C GLN B 21 1.73 16.67 -3.22
N ARG B 22 0.63 16.21 -2.61
CA ARG B 22 -0.57 17.02 -2.52
C ARG B 22 -0.29 18.29 -1.73
N ASP B 23 -0.93 19.37 -2.13
CA ASP B 23 -0.92 20.53 -1.31
C ASP B 23 -1.52 20.18 0.05
N PRO B 24 -0.85 20.56 1.15
CA PRO B 24 -1.36 20.12 2.47
C PRO B 24 -2.63 20.80 2.98
N SER B 25 -3.02 21.92 2.39
CA SER B 25 -4.27 22.56 2.77
C SER B 25 -5.42 22.20 1.82
N THR B 26 -5.15 22.16 0.51
CA THR B 26 -6.22 21.97 -0.49
C THR B 26 -6.34 20.55 -1.01
N GLY B 27 -5.26 19.80 -0.90
CA GLY B 27 -5.19 18.47 -1.46
C GLY B 27 -4.84 18.38 -2.91
N ALA B 28 -4.74 19.54 -3.57
CA ALA B 28 -4.52 19.58 -5.00
C ALA B 28 -3.17 19.00 -5.39
N LEU B 29 -3.15 18.31 -6.53
CA LEU B 29 -1.98 17.66 -7.08
C LEU B 29 -1.45 18.49 -8.21
N PRO B 30 -0.13 18.44 -8.46
CA PRO B 30 0.28 19.13 -9.67
C PRO B 30 -0.10 18.28 -10.90
N THR B 31 -0.96 18.85 -11.72
CA THR B 31 -1.64 18.06 -12.71
C THR B 31 -0.89 18.05 -14.04
N HIS B 32 0.33 18.59 -14.08
CA HIS B 32 1.16 18.47 -15.27
C HIS B 32 2.08 17.24 -15.20
N LEU B 33 2.14 16.57 -14.06
CA LEU B 33 2.98 15.39 -13.93
C LEU B 33 2.22 14.14 -14.41
N THR B 34 2.33 13.88 -15.72
CA THR B 34 1.49 12.86 -16.36
C THR B 34 2.29 11.60 -16.75
N ASP B 35 3.62 11.68 -16.69
CA ASP B 35 4.43 10.51 -17.05
C ASP B 35 4.89 9.86 -15.73
N CYS B 36 4.80 8.53 -15.62
CA CYS B 36 5.38 7.83 -14.45
C CYS B 36 6.38 6.79 -14.88
N LEU B 37 6.94 6.92 -16.09
CA LEU B 37 8.09 6.13 -16.47
C LEU B 37 9.35 6.59 -15.73
N SER B 38 9.40 7.87 -15.38
CA SER B 38 10.52 8.38 -14.62
C SER B 38 10.01 9.32 -13.59
N GLY B 39 10.86 9.65 -12.65
CA GLY B 39 10.51 10.58 -11.56
C GLY B 39 9.90 9.95 -10.33
N PHE B 40 9.80 8.62 -10.32
CA PHE B 40 9.27 7.88 -9.17
C PHE B 40 10.22 6.79 -8.70
N GLY B 41 11.51 7.06 -8.71
CA GLY B 41 12.53 6.09 -8.29
C GLY B 41 12.76 5.01 -9.32
N GLN B 42 13.23 3.89 -8.86
CA GLN B 42 13.53 2.78 -9.71
C GLN B 42 12.27 2.14 -10.28
N ARG B 43 12.22 2.07 -11.60
CA ARG B 43 11.10 1.44 -12.27
C ARG B 43 11.46 0.02 -12.77
N PRO B 44 10.75 -1.01 -12.32
CA PRO B 44 11.08 -2.34 -12.84
C PRO B 44 10.93 -2.42 -14.36
N LYS B 45 11.78 -3.18 -15.03
CA LYS B 45 11.84 -3.06 -16.50
C LYS B 45 10.58 -3.64 -17.13
N THR B 46 9.88 -4.48 -16.39
CA THR B 46 8.56 -4.96 -16.86
C THR B 46 7.58 -3.80 -17.18
N VAL B 47 7.71 -2.66 -16.50
CA VAL B 47 6.83 -1.50 -16.77
C VAL B 47 7.30 -0.75 -18.01
N THR B 48 6.55 -0.88 -19.12
CA THR B 48 6.95 -0.30 -20.39
C THR B 48 6.16 0.97 -20.72
N ALA B 49 5.03 1.20 -20.06
CA ALA B 49 4.28 2.44 -20.20
C ALA B 49 3.70 2.78 -18.87
N CYS B 50 3.60 4.06 -18.57
CA CYS B 50 3.03 4.52 -17.29
C CYS B 50 2.56 5.95 -17.41
N THR B 51 1.26 6.16 -17.26
CA THR B 51 0.70 7.52 -17.39
C THR B 51 -0.22 7.81 -16.23
N ILE B 52 -0.23 9.06 -15.81
CA ILE B 52 -1.14 9.51 -14.77
C ILE B 52 -2.17 10.45 -15.43
N THR B 53 -3.45 10.18 -15.20
CA THR B 53 -4.53 11.02 -15.75
C THR B 53 -5.20 11.70 -14.54
N TYR B 54 -5.33 13.02 -14.61
CA TYR B 54 -5.95 13.76 -13.55
C TYR B 54 -7.38 14.07 -13.98
N LEU B 55 -8.33 13.60 -13.20
CA LEU B 55 -9.75 13.78 -13.49
C LEU B 55 -10.24 15.11 -12.96
N ASN B 56 -9.49 15.64 -12.00
CA ASN B 56 -9.72 16.96 -11.39
C ASN B 56 -8.48 17.23 -10.55
N ALA B 57 -8.48 18.24 -9.68
CA ALA B 57 -7.27 18.58 -8.96
C ALA B 57 -6.96 17.58 -7.86
N LEU B 58 -7.95 16.77 -7.48
CA LEU B 58 -7.74 15.80 -6.40
C LEU B 58 -7.54 14.37 -6.85
N ASP B 59 -8.18 13.98 -7.94
CA ASP B 59 -8.28 12.54 -8.27
C ASP B 59 -7.44 12.20 -9.48
N TYR B 60 -6.74 11.06 -9.42
CA TYR B 60 -5.96 10.57 -10.52
C TYR B 60 -6.14 9.09 -10.74
N VAL B 61 -5.79 8.69 -11.96
CA VAL B 61 -5.76 7.33 -12.37
C VAL B 61 -4.37 7.05 -12.94
N ILE B 62 -3.72 6.01 -12.44
CA ILE B 62 -2.45 5.58 -13.01
C ILE B 62 -2.74 4.39 -13.89
N GLU B 63 -2.21 4.39 -15.10
CA GLU B 63 -2.28 3.26 -16.00
C GLU B 63 -0.86 2.81 -16.35
N ALA B 64 -0.56 1.54 -16.14
CA ALA B 64 0.75 1.00 -16.50
C ALA B 64 0.59 -0.24 -17.36
N SER B 65 1.46 -0.38 -18.35
CA SER B 65 1.56 -1.58 -19.17
C SER B 65 2.76 -2.36 -18.79
N LEU B 66 2.59 -3.67 -18.67
CA LEU B 66 3.66 -4.57 -18.31
C LEU B 66 4.00 -5.52 -19.46
N ASP B 67 5.29 -5.79 -19.63
CA ASP B 67 5.81 -6.80 -20.55
C ASP B 67 6.34 -8.05 -19.82
N GLY B 68 6.01 -9.24 -20.33
CA GLY B 68 6.52 -10.51 -19.76
C GLY B 68 5.91 -10.84 -18.39
N ALA B 69 4.70 -10.36 -18.16
CA ALA B 69 4.04 -10.48 -16.87
C ALA B 69 2.78 -11.33 -17.00
N ALA B 70 2.27 -11.83 -15.87
CA ALA B 70 1.02 -12.62 -15.86
C ALA B 70 -0.23 -11.84 -16.35
N LEU B 71 -0.18 -10.52 -16.24
CA LEU B 71 -1.19 -9.65 -16.83
C LEU B 71 -0.49 -8.46 -17.53
N LYS B 72 -1.26 -7.65 -18.23
CA LYS B 72 -0.73 -6.72 -19.20
C LYS B 72 -0.89 -5.28 -18.74
N LYS B 73 -2.03 -4.94 -18.14
CA LYS B 73 -2.32 -3.55 -17.79
C LYS B 73 -2.76 -3.45 -16.35
N VAL B 74 -2.21 -2.48 -15.63
CA VAL B 74 -2.61 -2.22 -14.25
C VAL B 74 -3.22 -0.83 -14.19
N VAL B 75 -4.31 -0.68 -13.45
CA VAL B 75 -4.95 0.60 -13.27
C VAL B 75 -5.24 0.86 -11.80
N TYR B 76 -4.71 1.96 -11.28
CA TYR B 76 -4.97 2.37 -9.94
C TYR B 76 -5.82 3.66 -9.97
N LYS B 77 -6.89 3.67 -9.20
CA LYS B 77 -7.78 4.86 -9.10
C LYS B 77 -7.75 5.41 -7.72
N SER B 78 -7.27 6.64 -7.58
CA SER B 78 -7.19 7.26 -6.24
C SER B 78 -8.55 7.50 -5.60
N SER B 79 -9.58 7.72 -6.40
CA SER B 79 -10.86 8.14 -5.85
C SER B 79 -11.52 7.01 -5.08
N ASP B 80 -11.33 5.77 -5.52
CA ASP B 80 -11.90 4.62 -4.82
C ASP B 80 -10.86 3.65 -4.27
N GLY B 81 -9.58 3.97 -4.47
CA GLY B 81 -8.45 3.18 -3.99
C GLY B 81 -8.34 1.80 -4.59
N THR B 82 -8.91 1.55 -5.77
CA THR B 82 -8.85 0.22 -6.37
C THR B 82 -7.67 0.05 -7.33
N LEU B 83 -7.16 -1.19 -7.40
CA LEU B 83 -6.08 -1.57 -8.30
C LEU B 83 -6.66 -2.71 -9.12
N THR B 84 -6.63 -2.60 -10.44
CA THR B 84 -7.17 -3.63 -11.30
C THR B 84 -6.09 -4.03 -12.26
N SER B 85 -6.07 -5.30 -12.63
CA SER B 85 -5.05 -5.81 -13.53
C SER B 85 -5.68 -6.67 -14.60
N LEU B 86 -5.31 -6.46 -15.86
CA LEU B 86 -6.02 -7.07 -16.98
C LEU B 86 -5.08 -7.68 -18.06
N PRO B 87 -5.42 -8.86 -18.66
CA PRO B 87 -4.62 -9.45 -19.75
C PRO B 87 -4.69 -8.65 -21.04
N ALA C 5 4.42 15.55 17.39
CA ALA C 5 3.18 14.93 16.84
C ALA C 5 3.41 13.51 16.25
N ALA C 6 3.56 12.62 17.21
CA ALA C 6 3.39 11.14 17.11
C ALA C 6 1.94 10.82 16.71
N GLY C 7 1.06 11.74 17.09
CA GLY C 7 -0.36 11.60 16.81
C GLY C 7 -0.66 11.64 15.33
N GLN C 8 -0.04 12.60 14.64
CA GLN C 8 -0.19 12.73 13.21
C GLN C 8 0.20 11.46 12.46
N SER C 9 1.35 10.92 12.82
CA SER C 9 1.85 9.68 12.24
C SER C 9 0.87 8.51 12.49
N TYR C 10 0.30 8.43 13.70
CA TYR C 10 -0.68 7.38 13.98
C TYR C 10 -1.89 7.51 13.06
N VAL C 11 -2.39 8.72 12.93
CA VAL C 11 -3.56 8.97 12.07
C VAL C 11 -3.27 8.54 10.64
N ARG C 12 -2.10 8.90 10.09
CA ARG C 12 -1.75 8.50 8.72
C ARG C 12 -1.73 6.96 8.61
N ASN C 13 -1.24 6.28 9.66
CA ASN C 13 -1.23 4.81 9.67
C ASN C 13 -2.65 4.20 9.75
N VAL C 14 -3.55 4.82 10.48
CA VAL C 14 -4.98 4.40 10.47
C VAL C 14 -5.54 4.50 9.04
N ALA C 15 -5.29 5.63 8.40
CA ALA C 15 -5.74 5.82 7.02
C ALA C 15 -5.20 4.73 6.10
N LEU C 16 -3.88 4.49 6.17
CA LEU C 16 -3.30 3.45 5.33
C LEU C 16 -3.98 2.11 5.58
N ALA C 17 -4.27 1.82 6.84
CA ALA C 17 -4.91 0.55 7.18
C ALA C 17 -6.29 0.46 6.59
N LEU C 18 -7.01 1.57 6.65
CA LEU C 18 -8.35 1.64 6.06
C LEU C 18 -8.29 1.43 4.56
N GLU C 19 -7.30 2.06 3.90
CA GLU C 19 -7.15 1.86 2.45
C GLU C 19 -6.99 0.38 2.09
N ALA C 20 -6.21 -0.34 2.90
CA ALA C 20 -5.97 -1.77 2.70
C ALA C 20 -7.18 -2.65 2.93
N GLN C 21 -8.18 -2.13 3.63
CA GLN C 21 -9.39 -2.89 3.94
C GLN C 21 -10.53 -2.58 2.97
N ARG C 22 -10.29 -1.73 1.97
CA ARG C 22 -11.29 -1.48 0.95
C ARG C 22 -11.61 -2.74 0.18
N ASP C 23 -12.87 -2.92 -0.20
CA ASP C 23 -13.19 -3.95 -1.13
C ASP C 23 -12.37 -3.73 -2.40
N PRO C 24 -11.72 -4.79 -2.93
CA PRO C 24 -10.80 -4.53 -4.03
C PRO C 24 -11.43 -4.23 -5.36
N SER C 25 -12.73 -4.52 -5.54
CA SER C 25 -13.38 -4.17 -6.81
C SER C 25 -14.18 -2.87 -6.69
N THR C 26 -14.85 -2.65 -5.54
CA THR C 26 -15.76 -1.49 -5.41
C THR C 26 -15.15 -0.32 -4.67
N GLY C 27 -14.12 -0.60 -3.88
CA GLY C 27 -13.55 0.41 -3.00
C GLY C 27 -14.22 0.62 -1.65
N ALA C 28 -15.35 -0.03 -1.43
CA ALA C 28 -16.16 0.21 -0.25
C ALA C 28 -15.43 -0.19 1.02
N LEU C 29 -15.59 0.63 2.05
CA LEU C 29 -15.00 0.39 3.34
C LEU C 29 -16.04 -0.23 4.27
N PRO C 30 -15.61 -1.04 5.25
CA PRO C 30 -16.61 -1.43 6.25
C PRO C 30 -16.88 -0.25 7.17
N THR C 31 -18.09 0.25 7.09
CA THR C 31 -18.44 1.54 7.65
C THR C 31 -18.87 1.43 9.13
N HIS C 32 -18.70 0.27 9.73
CA HIS C 32 -19.02 0.12 11.16
C HIS C 32 -17.78 0.23 12.01
N LEU C 33 -16.61 0.31 11.37
CA LEU C 33 -15.38 0.47 12.10
C LEU C 33 -15.15 1.97 12.36
N THR C 34 -15.69 2.45 13.48
CA THR C 34 -15.71 3.89 13.78
C THR C 34 -14.75 4.32 14.91
N ASP C 35 -14.15 3.35 15.59
CA ASP C 35 -13.21 3.64 16.68
C ASP C 35 -11.81 3.36 16.17
N CYS C 36 -10.87 4.28 16.38
CA CYS C 36 -9.47 3.98 16.05
C CYS C 36 -8.59 4.10 17.28
N LEU C 37 -9.17 3.97 18.46
CA LEU C 37 -8.36 3.83 19.69
C LEU C 37 -7.70 2.45 19.73
N SER C 38 -8.30 1.47 19.08
CA SER C 38 -7.72 0.16 19.00
C SER C 38 -7.92 -0.44 17.62
N GLY C 39 -7.17 -1.51 17.35
CA GLY C 39 -7.27 -2.21 16.08
C GLY C 39 -6.38 -1.64 14.99
N PHE C 40 -5.53 -0.66 15.31
CA PHE C 40 -4.60 -0.08 14.36
C PHE C 40 -3.16 -0.03 14.87
N GLY C 41 -2.73 -1.10 15.53
CA GLY C 41 -1.35 -1.23 16.00
C GLY C 41 -1.12 -0.41 17.24
N GLN C 42 0.15 -0.15 17.57
CA GLN C 42 0.52 0.63 18.75
C GLN C 42 -0.02 2.05 18.63
N ARG C 43 -0.81 2.48 19.62
CA ARG C 43 -1.32 3.84 19.66
C ARG C 43 -0.50 4.67 20.64
N PRO C 44 0.15 5.75 20.17
CA PRO C 44 0.87 6.58 21.16
C PRO C 44 -0.07 7.13 22.24
N LYS C 45 0.42 7.27 23.48
CA LYS C 45 -0.46 7.59 24.60
C LYS C 45 -1.03 8.99 24.45
N THR C 46 -0.35 9.85 23.69
CA THR C 46 -0.88 11.19 23.40
C THR C 46 -2.27 11.16 22.76
N VAL C 47 -2.57 10.09 22.00
CA VAL C 47 -3.88 9.98 21.34
C VAL C 47 -4.90 9.49 22.36
N THR C 48 -5.78 10.38 22.80
CA THR C 48 -6.77 10.06 23.81
C THR C 48 -8.17 9.81 23.25
N ALA C 49 -8.42 10.26 22.00
CA ALA C 49 -9.67 9.98 21.34
C ALA C 49 -9.37 9.80 19.86
N CYS C 50 -10.10 8.91 19.20
CA CYS C 50 -9.91 8.65 17.76
C CYS C 50 -11.18 8.05 17.18
N THR C 51 -11.80 8.77 16.24
CA THR C 51 -13.05 8.31 15.64
C THR C 51 -12.90 8.40 14.12
N ILE C 52 -13.55 7.46 13.43
CA ILE C 52 -13.64 7.47 11.96
C ILE C 52 -15.08 7.74 11.59
N THR C 53 -15.32 8.73 10.75
CA THR C 53 -16.65 9.05 10.26
C THR C 53 -16.71 8.74 8.76
N TYR C 54 -17.73 7.99 8.33
CA TYR C 54 -17.84 7.62 6.95
C TYR C 54 -18.89 8.52 6.32
N LEU C 55 -18.49 9.23 5.27
CA LEU C 55 -19.36 10.16 4.59
C LEU C 55 -20.16 9.49 3.51
N ASN C 56 -19.66 8.35 3.07
CA ASN C 56 -20.28 7.46 2.10
C ASN C 56 -19.44 6.17 2.13
N ALA C 57 -19.67 5.24 1.23
CA ALA C 57 -18.98 3.96 1.32
C ALA C 57 -17.49 4.10 0.97
N LEU C 58 -17.10 5.18 0.28
CA LEU C 58 -15.71 5.37 -0.08
C LEU C 58 -14.92 6.33 0.83
N ASP C 59 -15.56 7.37 1.36
CA ASP C 59 -14.81 8.50 1.98
C ASP C 59 -14.96 8.54 3.46
N TYR C 60 -13.85 8.77 4.15
CA TYR C 60 -13.85 8.83 5.62
C TYR C 60 -13.11 10.04 6.11
N VAL C 61 -13.37 10.36 7.38
CA VAL C 61 -12.67 11.41 8.08
C VAL C 61 -12.24 10.82 9.44
N ILE C 62 -10.94 10.91 9.71
CA ILE C 62 -10.43 10.48 11.03
C ILE C 62 -10.26 11.74 11.87
N GLU C 63 -10.81 11.70 13.09
CA GLU C 63 -10.62 12.78 14.05
C GLU C 63 -9.94 12.21 15.28
N ALA C 64 -8.82 12.82 15.64
CA ALA C 64 -8.07 12.37 16.83
C ALA C 64 -7.79 13.57 17.74
N SER C 65 -7.92 13.34 19.05
CA SER C 65 -7.56 14.33 20.07
C SER C 65 -6.24 13.91 20.69
N LEU C 66 -5.39 14.90 20.96
CA LEU C 66 -4.00 14.64 21.38
C LEU C 66 -3.71 15.22 22.76
N LYS C 73 -6.33 18.80 18.31
CA LYS C 73 -7.10 17.96 17.40
C LYS C 73 -6.47 17.83 16.01
N VAL C 74 -6.45 16.61 15.48
CA VAL C 74 -6.02 16.42 14.10
C VAL C 74 -7.14 15.74 13.30
N VAL C 75 -7.26 16.15 12.05
CA VAL C 75 -8.29 15.67 11.16
C VAL C 75 -7.69 15.25 9.82
N TYR C 76 -7.90 13.99 9.44
CA TYR C 76 -7.49 13.49 8.12
C TYR C 76 -8.75 13.25 7.28
N LYS C 77 -8.77 13.76 6.05
CA LYS C 77 -9.88 13.53 5.12
C LYS C 77 -9.39 12.70 3.96
N SER C 78 -9.95 11.51 3.78
CA SER C 78 -9.52 10.66 2.66
C SER C 78 -9.81 11.28 1.31
N SER C 79 -10.89 12.08 1.20
CA SER C 79 -11.31 12.54 -0.10
C SER C 79 -10.30 13.50 -0.73
N ASP C 80 -9.67 14.33 0.09
CA ASP C 80 -8.69 15.26 -0.42
C ASP C 80 -7.27 14.97 0.07
N GLY C 81 -7.14 13.95 0.92
CA GLY C 81 -5.82 13.53 1.44
C GLY C 81 -5.16 14.51 2.37
N THR C 82 -5.94 15.40 2.97
CA THR C 82 -5.36 16.44 3.83
C THR C 82 -5.34 16.04 5.29
N LEU C 83 -4.34 16.54 5.99
CA LEU C 83 -4.17 16.31 7.42
C LEU C 83 -4.05 17.67 8.08
N THR C 84 -4.89 17.94 9.07
CA THR C 84 -4.94 19.24 9.74
C THR C 84 -4.88 19.00 11.24
#